data_7AI1
#
_entry.id   7AI1
#
_cell.length_a   56.267
_cell.length_b   80.687
_cell.length_c   135.909
_cell.angle_alpha   90.000
_cell.angle_beta   90.000
_cell.angle_gamma   90.000
#
_symmetry.space_group_name_H-M   'P 21 21 21'
#
loop_
_entity.id
_entity.type
_entity.pdbx_description
1 polymer 'E3 ubiquitin-protein ligase Mdm2'
2 polymer 'Ubiquitin-conjugating enzyme E2 D2'
3 polymer Polyubiquitin-B
4 non-polymer 'CHLORIDE ION'
5 non-polymer 'ZINC ION'
6 non-polymer 1,2-ETHANEDIOL
7 water water
#
loop_
_entity_poly.entity_id
_entity_poly.type
_entity_poly.pdbx_seq_one_letter_code
_entity_poly.pdbx_strand_id
1 'polypeptide(L)' GSTQDKEESVESSLPLNAIEPCVICQTRPKNGCIVHGKTGHLMACFTCAKKLKKRNKPCPVCRQPIQMIVLTYFP AAA,DDD
2 'polypeptide(L)'
;MALKRIHKELNDLARDPPAQCRAGPVGDDMFHWQATIMGPNDSPYQGGVFFLTIHFPTDYPFKPPKVAFTTRIYHPNINS
NGSIKLDILRSQWSPALTISKVLLSICSLLCDPNPDDPLVPEIARIYKTDREKYNRIAREWTQKYAM
;
BBB,EEE
3 'polypeptide(L)'
;GSGGSMQIFVKTLTGKTITLEVEPSDTIENVKAKIQDKEGIPPDQQRLIFAGKQLEDGRTLSDYNIQKESTLHLVLRLRG
G
;
CCC,FFF
#
loop_
_chem_comp.id
_chem_comp.type
_chem_comp.name
_chem_comp.formula
CL non-polymer 'CHLORIDE ION' 'Cl -1'
EDO non-polymer 1,2-ETHANEDIOL 'C2 H6 O2'
ZN non-polymer 'ZINC ION' 'Zn 2'
#
# COMPACT_ATOMS: atom_id res chain seq x y z
N LEU A 14 7.55 -4.71 -7.65
CA LEU A 14 6.07 -4.67 -7.37
C LEU A 14 5.75 -5.44 -6.07
N PRO A 15 4.98 -4.84 -5.13
CA PRO A 15 4.82 -5.43 -3.80
C PRO A 15 3.63 -6.41 -3.66
N LEU A 16 3.79 -7.66 -4.13
CA LEU A 16 2.69 -8.67 -4.25
C LEU A 16 2.06 -8.98 -2.87
N ASN A 17 2.76 -8.73 -1.77
CA ASN A 17 2.26 -8.96 -0.38
C ASN A 17 1.30 -7.84 0.07
N ALA A 18 1.21 -6.74 -0.67
CA ALA A 18 0.33 -5.58 -0.35
C ALA A 18 -1.13 -6.02 -0.21
N ILE A 19 -1.55 -7.10 -0.89
CA ILE A 19 -2.98 -7.57 -0.95
C ILE A 19 -3.24 -8.68 0.09
N GLU A 20 -2.23 -9.06 0.87
CA GLU A 20 -2.43 -9.97 2.03
C GLU A 20 -2.99 -9.17 3.20
N PRO A 21 -3.70 -9.83 4.14
CA PRO A 21 -4.35 -9.11 5.21
C PRO A 21 -3.36 -8.62 6.26
N CYS A 22 -3.83 -7.66 7.04
CA CYS A 22 -3.19 -7.13 8.27
C CYS A 22 -2.50 -8.28 9.02
N VAL A 23 -1.20 -8.14 9.29
CA VAL A 23 -0.39 -9.20 9.98
C VAL A 23 -0.81 -9.32 11.45
N ILE A 24 -1.55 -8.34 11.99
CA ILE A 24 -2.01 -8.36 13.42
C ILE A 24 -3.36 -9.10 13.55
N CYS A 25 -4.38 -8.68 12.81
CA CYS A 25 -5.77 -9.22 12.96
C CYS A 25 -6.06 -10.30 11.90
N GLN A 26 -5.20 -10.38 10.86
CA GLN A 26 -5.26 -11.38 9.76
C GLN A 26 -6.63 -11.32 9.04
N THR A 27 -7.31 -10.16 9.07
CA THR A 27 -8.67 -9.97 8.50
C THR A 27 -8.69 -8.77 7.54
N ARG A 28 -8.50 -7.56 8.07
CA ARG A 28 -8.71 -6.29 7.32
C ARG A 28 -7.50 -6.07 6.40
N PRO A 29 -7.68 -5.30 5.31
CA PRO A 29 -6.59 -5.02 4.39
C PRO A 29 -5.52 -4.10 4.98
N LYS A 30 -4.32 -4.11 4.37
CA LYS A 30 -3.20 -3.23 4.78
C LYS A 30 -3.50 -1.80 4.31
N ASN A 31 -4.21 -1.01 5.13
CA ASN A 31 -4.55 0.43 4.85
C ASN A 31 -4.17 1.35 6.02
N GLY A 32 -3.48 0.84 7.03
CA GLY A 32 -2.99 1.61 8.18
C GLY A 32 -1.49 1.84 8.04
N CYS A 33 -1.09 2.85 7.26
CA CYS A 33 0.34 3.12 7.04
C CYS A 33 0.93 3.74 8.31
N ILE A 34 1.96 3.13 8.85
CA ILE A 34 2.71 3.61 10.04
C ILE A 34 3.82 4.51 9.53
N VAL A 35 3.72 5.81 9.78
CA VAL A 35 4.66 6.81 9.24
C VAL A 35 5.69 7.18 10.32
N HIS A 36 6.94 7.33 9.92
CA HIS A 36 8.09 7.74 10.77
C HIS A 36 9.12 8.42 9.88
N GLY A 37 9.39 9.72 10.10
CA GLY A 37 10.23 10.50 9.19
C GLY A 37 9.58 10.49 7.82
N LYS A 38 10.31 10.07 6.79
CA LYS A 38 9.91 10.15 5.36
C LYS A 38 9.55 8.77 4.83
N THR A 39 9.45 7.76 5.69
CA THR A 39 9.13 6.38 5.29
C THR A 39 7.89 5.93 6.05
N GLY A 40 7.29 4.87 5.52
CA GLY A 40 6.12 4.20 6.11
C GLY A 40 6.24 2.70 5.97
N HIS A 41 5.91 1.97 7.03
CA HIS A 41 5.72 0.50 7.02
C HIS A 41 4.22 0.23 6.95
N LEU A 42 3.79 -0.34 5.83
CA LEU A 42 2.37 -0.72 5.61
C LEU A 42 2.25 -2.24 5.68
N MET A 43 1.81 -2.77 6.82
CA MET A 43 1.61 -4.23 7.05
C MET A 43 0.43 -4.45 7.99
N ALA A 44 -0.30 -3.40 8.30
CA ALA A 44 -1.39 -3.42 9.31
C ALA A 44 -2.55 -2.59 8.79
N CYS A 45 -3.76 -2.97 9.21
CA CYS A 45 -5.00 -2.22 8.92
C CYS A 45 -5.02 -0.94 9.77
N PHE A 46 -5.85 0.03 9.41
CA PHE A 46 -5.98 1.32 10.12
C PHE A 46 -6.35 1.09 11.60
N THR A 47 -7.32 0.22 11.85
CA THR A 47 -7.80 -0.13 13.22
C THR A 47 -6.61 -0.59 14.07
N CYS A 48 -5.89 -1.59 13.59
CA CYS A 48 -4.77 -2.20 14.34
C CYS A 48 -3.67 -1.15 14.51
N ALA A 49 -3.33 -0.40 13.45
CA ALA A 49 -2.23 0.59 13.49
C ALA A 49 -2.60 1.75 14.45
N LYS A 50 -3.88 2.12 14.51
CA LYS A 50 -4.39 3.20 15.41
C LYS A 50 -4.25 2.78 16.88
N LYS A 51 -4.54 1.51 17.19
CA LYS A 51 -4.41 0.98 18.55
C LYS A 51 -2.96 1.17 18.98
N LEU A 52 -2.00 0.81 18.12
CA LEU A 52 -0.55 0.94 18.45
C LEU A 52 -0.24 2.41 18.75
N LYS A 53 -0.69 3.32 17.89
CA LYS A 53 -0.42 4.77 18.04
C LYS A 53 -1.02 5.27 19.36
N LYS A 54 -2.31 4.99 19.57
CA LYS A 54 -3.08 5.39 20.79
C LYS A 54 -2.32 4.95 22.03
N ARG A 55 -1.83 3.71 22.06
CA ARG A 55 -1.09 3.14 23.22
C ARG A 55 0.40 3.50 23.14
N ASN A 56 0.78 4.40 22.23
CA ASN A 56 2.14 4.99 22.13
C ASN A 56 3.20 3.87 21.97
N LYS A 57 2.91 2.86 21.16
CA LYS A 57 3.88 1.80 20.81
C LYS A 57 4.69 2.26 19.61
N PRO A 58 5.89 1.71 19.38
CA PRO A 58 6.65 2.00 18.18
C PRO A 58 6.18 1.19 16.98
N CYS A 59 6.82 1.42 15.84
CA CYS A 59 6.60 0.62 14.60
C CYS A 59 6.91 -0.84 14.93
N PRO A 60 5.97 -1.80 14.73
CA PRO A 60 6.27 -3.22 14.93
C PRO A 60 7.50 -3.79 14.19
N VAL A 61 7.89 -3.28 13.02
CA VAL A 61 8.98 -3.95 12.25
C VAL A 61 10.32 -3.21 12.37
N CYS A 62 10.32 -1.91 12.69
CA CYS A 62 11.56 -1.08 12.71
C CYS A 62 11.75 -0.39 14.07
N ARG A 63 10.74 -0.40 14.95
CA ARG A 63 10.76 0.21 16.30
C ARG A 63 11.01 1.73 16.26
N GLN A 64 10.93 2.41 15.12
CA GLN A 64 10.99 3.90 15.12
C GLN A 64 9.69 4.38 15.75
N PRO A 65 9.68 5.55 16.46
CA PRO A 65 8.44 6.08 17.02
C PRO A 65 7.40 6.28 15.91
N ILE A 66 6.12 6.12 16.24
CA ILE A 66 5.05 6.33 15.24
C ILE A 66 4.69 7.82 15.26
N GLN A 67 5.04 8.50 14.18
CA GLN A 67 4.71 9.93 13.97
CA GLN A 67 4.71 9.93 13.97
C GLN A 67 3.19 10.05 13.74
N MET A 68 2.62 9.20 12.88
CA MET A 68 1.19 9.25 12.53
C MET A 68 0.77 7.96 11.86
N ILE A 69 -0.52 7.64 11.95
CA ILE A 69 -1.17 6.61 11.10
C ILE A 69 -1.88 7.33 9.96
N VAL A 70 -1.67 6.86 8.75
CA VAL A 70 -2.32 7.38 7.53
C VAL A 70 -3.23 6.29 6.99
N LEU A 71 -4.53 6.57 6.97
CA LEU A 71 -5.54 5.71 6.34
C LEU A 71 -5.25 5.79 4.84
N THR A 72 -4.73 4.69 4.28
CA THR A 72 -4.19 4.65 2.90
C THR A 72 -5.26 4.09 1.97
N TYR A 73 -5.64 4.90 0.99
CA TYR A 73 -6.59 4.54 -0.09
C TYR A 73 -5.77 4.20 -1.34
N PHE A 74 -6.27 3.30 -2.16
CA PHE A 74 -5.56 2.83 -3.39
C PHE A 74 -6.39 3.17 -4.60
N PRO A 75 -6.29 4.42 -5.13
CA PRO A 75 -7.06 4.84 -6.31
C PRO A 75 -6.86 3.90 -7.51
N ALA B 2 -7.37 -12.63 18.72
CA ALA B 2 -6.12 -13.42 18.98
C ALA B 2 -6.14 -14.73 18.19
N LEU B 3 -7.28 -15.44 18.21
CA LEU B 3 -7.40 -16.84 17.74
C LEU B 3 -7.00 -16.94 16.26
N LYS B 4 -7.47 -16.04 15.40
CA LYS B 4 -7.17 -16.08 13.94
C LYS B 4 -5.66 -15.89 13.72
N ARG B 5 -5.03 -14.99 14.47
CA ARG B 5 -3.57 -14.75 14.37
C ARG B 5 -2.80 -16.00 14.82
N ILE B 6 -3.28 -16.66 15.87
CA ILE B 6 -2.65 -17.87 16.46
C ILE B 6 -2.78 -19.04 15.47
N HIS B 7 -3.96 -19.23 14.88
CA HIS B 7 -4.21 -20.28 13.86
C HIS B 7 -3.21 -20.07 12.71
N LYS B 8 -3.08 -18.82 12.27
CA LYS B 8 -2.11 -18.45 11.20
C LYS B 8 -0.70 -18.89 11.59
N GLU B 9 -0.28 -18.57 12.81
CA GLU B 9 1.10 -18.88 13.27
C GLU B 9 1.25 -20.40 13.32
N LEU B 10 0.21 -21.12 13.75
CA LEU B 10 0.27 -22.61 13.83
C LEU B 10 0.38 -23.20 12.42
N ASN B 11 -0.38 -22.68 11.45
CA ASN B 11 -0.31 -23.15 10.04
C ASN B 11 1.09 -22.88 9.49
N ASP B 12 1.66 -21.73 9.82
CA ASP B 12 3.04 -21.40 9.37
C ASP B 12 4.03 -22.44 9.92
N LEU B 13 3.91 -22.82 11.18
CA LEU B 13 4.81 -23.82 11.84
C LEU B 13 4.62 -25.20 11.22
N ALA B 14 3.39 -25.58 10.85
CA ALA B 14 3.10 -26.82 10.09
C ALA B 14 3.83 -26.81 8.74
N ARG B 15 3.80 -25.67 8.03
CA ARG B 15 4.22 -25.52 6.61
C ARG B 15 5.71 -25.28 6.48
N ASP B 16 6.30 -24.50 7.39
CA ASP B 16 7.68 -23.98 7.18
C ASP B 16 8.28 -23.59 8.53
N PRO B 17 8.55 -24.55 9.45
CA PRO B 17 9.09 -24.18 10.76
C PRO B 17 10.57 -23.82 10.66
N PRO B 18 11.17 -23.07 11.61
CA PRO B 18 12.62 -22.96 11.68
C PRO B 18 13.25 -24.33 12.01
N ALA B 19 14.47 -24.56 11.52
CA ALA B 19 15.19 -25.85 11.62
C ALA B 19 15.22 -26.39 13.06
N GLN B 20 15.41 -25.54 14.05
CA GLN B 20 15.71 -26.10 15.40
C GLN B 20 14.48 -25.96 16.31
N CYS B 21 13.34 -25.44 15.82
CA CYS B 21 12.23 -25.00 16.70
C CYS B 21 10.89 -25.56 16.20
N ARG B 22 10.11 -26.05 17.16
CA ARG B 22 8.73 -26.53 16.93
C ARG B 22 7.85 -25.97 18.04
N ALA B 23 6.56 -25.79 17.75
CA ALA B 23 5.56 -25.45 18.78
C ALA B 23 4.17 -25.77 18.27
N GLY B 24 3.24 -25.99 19.19
CA GLY B 24 1.83 -26.28 18.86
C GLY B 24 1.01 -26.47 20.13
N PRO B 25 -0.33 -26.48 20.02
CA PRO B 25 -1.20 -26.64 21.18
C PRO B 25 -0.80 -27.89 21.95
N VAL B 26 -0.70 -27.76 23.28
CA VAL B 26 -0.44 -28.88 24.24
C VAL B 26 -1.45 -29.99 23.95
N GLY B 27 -2.73 -29.61 23.88
CA GLY B 27 -3.81 -30.45 23.35
C GLY B 27 -4.85 -29.61 22.62
N ASP B 28 -5.95 -29.28 23.30
CA ASP B 28 -7.18 -28.73 22.69
C ASP B 28 -7.27 -27.21 22.90
N ASP B 29 -6.47 -26.65 23.81
CA ASP B 29 -6.44 -25.20 24.14
C ASP B 29 -5.47 -24.49 23.18
N MET B 30 -6.00 -23.68 22.26
CA MET B 30 -5.22 -22.92 21.24
C MET B 30 -4.35 -21.87 21.95
N PHE B 31 -4.70 -21.43 23.17
CA PHE B 31 -3.96 -20.39 23.92
C PHE B 31 -2.83 -20.98 24.79
N HIS B 32 -2.66 -22.30 24.81
CA HIS B 32 -1.61 -22.98 25.60
C HIS B 32 -0.85 -23.95 24.68
N TRP B 33 0.42 -23.64 24.39
CA TRP B 33 1.26 -24.41 23.43
C TRP B 33 2.44 -24.98 24.21
N GLN B 34 3.03 -26.07 23.72
CA GLN B 34 4.39 -26.46 24.13
C GLN B 34 5.33 -26.22 22.94
N ALA B 35 6.58 -25.88 23.22
CA ALA B 35 7.59 -25.77 22.16
C ALA B 35 8.85 -26.54 22.56
N THR B 36 9.67 -26.82 21.56
CA THR B 36 11.01 -27.40 21.71
C THR B 36 11.96 -26.49 20.97
N ILE B 37 13.08 -26.17 21.62
CA ILE B 37 14.31 -25.66 20.95
C ILE B 37 15.37 -26.77 21.05
N MET B 38 16.01 -27.10 19.94
CA MET B 38 17.21 -27.98 19.91
C MET B 38 18.39 -27.08 20.28
N GLY B 39 19.24 -27.55 21.20
CA GLY B 39 20.49 -26.83 21.53
C GLY B 39 21.25 -26.57 20.23
N PRO B 40 21.69 -25.33 19.97
CA PRO B 40 22.38 -25.06 18.71
C PRO B 40 23.67 -25.91 18.65
N ASN B 41 24.03 -26.36 17.44
CA ASN B 41 25.32 -27.03 17.14
C ASN B 41 26.47 -26.16 17.67
N ASP B 42 27.60 -26.78 18.01
CA ASP B 42 28.85 -26.08 18.42
C ASP B 42 28.56 -25.19 19.63
N SER B 43 27.76 -25.69 20.56
CA SER B 43 27.47 -25.04 21.86
C SER B 43 27.41 -26.11 22.93
N PRO B 44 27.61 -25.73 24.22
CA PRO B 44 27.41 -26.68 25.32
C PRO B 44 26.03 -27.33 25.32
N TYR B 45 25.06 -26.77 24.59
CA TYR B 45 23.64 -27.25 24.55
C TYR B 45 23.43 -28.27 23.43
N GLN B 46 24.41 -28.50 22.54
CA GLN B 46 24.19 -29.36 21.34
C GLN B 46 23.87 -30.78 21.80
N GLY B 47 22.92 -31.44 21.14
CA GLY B 47 22.40 -32.77 21.52
C GLY B 47 21.26 -32.68 22.51
N GLY B 48 21.01 -31.47 23.05
CA GLY B 48 19.90 -31.19 23.96
C GLY B 48 18.62 -30.85 23.22
N VAL B 49 17.48 -31.28 23.77
CA VAL B 49 16.16 -30.74 23.39
C VAL B 49 15.60 -30.03 24.62
N PHE B 50 15.15 -28.79 24.45
CA PHE B 50 14.62 -27.95 25.56
C PHE B 50 13.13 -27.69 25.29
N PHE B 51 12.30 -28.04 26.26
CA PHE B 51 10.83 -27.85 26.21
C PHE B 51 10.50 -26.51 26.87
N LEU B 52 9.55 -25.81 26.26
CA LEU B 52 9.01 -24.52 26.76
C LEU B 52 7.48 -24.63 26.76
N THR B 53 6.89 -23.83 27.62
CA THR B 53 5.43 -23.59 27.74
C THR B 53 5.21 -22.21 27.11
N ILE B 54 4.13 -22.04 26.34
CA ILE B 54 3.72 -20.73 25.79
C ILE B 54 2.25 -20.54 26.14
N HIS B 55 1.92 -19.44 26.85
CA HIS B 55 0.53 -19.03 27.15
C HIS B 55 0.28 -17.71 26.39
N PHE B 56 -0.62 -17.73 25.39
CA PHE B 56 -1.01 -16.55 24.60
C PHE B 56 -2.06 -15.77 25.38
N PRO B 57 -1.84 -14.46 25.64
CA PRO B 57 -2.88 -13.65 26.28
C PRO B 57 -4.05 -13.42 25.31
N THR B 58 -5.17 -12.98 25.87
CA THR B 58 -6.46 -12.71 25.19
C THR B 58 -6.27 -11.70 24.06
N ASP B 59 -5.34 -10.75 24.24
CA ASP B 59 -5.11 -9.62 23.30
C ASP B 59 -3.78 -9.81 22.55
N TYR B 60 -3.26 -11.04 22.49
CA TYR B 60 -2.19 -11.40 21.53
C TYR B 60 -2.65 -10.98 20.13
N PRO B 61 -1.81 -10.44 19.23
CA PRO B 61 -0.39 -10.19 19.49
C PRO B 61 -0.03 -8.79 19.99
N PHE B 62 -0.97 -8.03 20.56
CA PHE B 62 -0.63 -6.68 21.12
C PHE B 62 0.21 -6.88 22.40
N LYS B 63 -0.13 -7.90 23.17
CA LYS B 63 0.65 -8.29 24.37
C LYS B 63 1.46 -9.53 24.02
N PRO B 64 2.65 -9.65 24.61
CA PRO B 64 3.52 -10.80 24.32
C PRO B 64 3.00 -12.10 24.89
N PRO B 65 3.47 -13.25 24.35
CA PRO B 65 3.15 -14.54 24.94
C PRO B 65 3.98 -14.69 26.23
N LYS B 66 3.46 -15.45 27.20
CA LYS B 66 4.24 -15.92 28.38
C LYS B 66 5.00 -17.17 27.96
N VAL B 67 6.33 -17.08 27.96
CA VAL B 67 7.23 -18.17 27.49
C VAL B 67 8.20 -18.52 28.61
N ALA B 68 8.21 -19.78 29.04
CA ALA B 68 9.08 -20.34 30.09
C ALA B 68 9.67 -21.69 29.65
N PHE B 69 10.92 -21.95 29.98
CA PHE B 69 11.54 -23.31 29.85
C PHE B 69 10.92 -24.22 30.91
N THR B 70 10.58 -25.44 30.51
CA THR B 70 10.20 -26.55 31.43
C THR B 70 11.41 -27.44 31.66
N THR B 71 12.31 -27.51 30.69
CA THR B 71 13.63 -28.17 30.82
C THR B 71 14.58 -27.22 31.58
N ARG B 72 15.29 -27.74 32.57
CA ARG B 72 16.35 -26.99 33.29
C ARG B 72 17.47 -26.71 32.29
N ILE B 73 17.98 -25.49 32.30
CA ILE B 73 19.11 -25.10 31.42
C ILE B 73 20.02 -24.17 32.22
N TYR B 74 21.31 -24.19 31.90
CA TYR B 74 22.39 -23.42 32.57
C TYR B 74 22.69 -22.19 31.74
N HIS B 75 22.20 -21.03 32.19
CA HIS B 75 22.26 -19.78 31.39
C HIS B 75 22.15 -18.57 32.31
N PRO B 76 22.96 -17.52 32.07
CA PRO B 76 22.88 -16.27 32.84
C PRO B 76 21.48 -15.63 32.89
N ASN B 77 20.68 -15.84 31.85
CA ASN B 77 19.43 -15.05 31.62
C ASN B 77 18.20 -15.95 31.78
N ILE B 78 18.41 -17.22 32.17
CA ILE B 78 17.30 -18.19 32.41
C ILE B 78 17.52 -18.81 33.79
N ASN B 79 16.50 -18.77 34.64
CA ASN B 79 16.61 -19.19 36.07
C ASN B 79 16.05 -20.60 36.27
N SER B 80 16.22 -21.11 37.49
CA SER B 80 15.84 -22.47 37.96
C SER B 80 14.38 -22.77 37.62
N ASN B 81 13.52 -21.74 37.69
CA ASN B 81 12.07 -21.85 37.38
C ASN B 81 11.81 -21.91 35.86
N GLY B 82 12.83 -21.73 35.02
CA GLY B 82 12.64 -21.63 33.57
C GLY B 82 12.22 -20.23 33.12
N SER B 83 12.29 -19.23 34.00
CA SER B 83 12.02 -17.81 33.63
C SER B 83 13.12 -17.32 32.69
N ILE B 84 12.72 -16.67 31.61
CA ILE B 84 13.65 -16.07 30.61
C ILE B 84 13.58 -14.56 30.80
N LYS B 85 14.68 -13.92 31.24
CA LYS B 85 14.67 -12.44 31.29
C LYS B 85 15.17 -11.92 29.96
N LEU B 86 14.24 -11.45 29.13
CA LEU B 86 14.49 -11.11 27.71
C LEU B 86 13.57 -9.97 27.27
N ASP B 87 14.16 -8.90 26.74
CA ASP B 87 13.40 -7.65 26.49
C ASP B 87 12.23 -7.92 25.54
N ILE B 88 12.38 -8.80 24.52
CA ILE B 88 11.30 -9.02 23.51
C ILE B 88 10.09 -9.69 24.16
N LEU B 89 10.21 -10.24 25.37
CA LEU B 89 9.07 -10.89 26.07
C LEU B 89 8.41 -9.90 27.03
N ARG B 90 8.95 -8.68 27.19
CA ARG B 90 8.40 -7.63 28.10
C ARG B 90 8.32 -6.31 27.33
N SER B 91 9.15 -5.31 27.65
CA SER B 91 9.05 -3.93 27.10
C SER B 91 9.36 -3.90 25.59
N GLN B 92 10.19 -4.80 25.04
CA GLN B 92 10.62 -4.71 23.63
C GLN B 92 9.87 -5.72 22.75
N TRP B 93 8.72 -6.21 23.22
CA TRP B 93 7.74 -6.97 22.39
C TRP B 93 7.35 -6.12 21.17
N SER B 94 7.07 -6.81 20.08
CA SER B 94 6.43 -6.25 18.87
C SER B 94 5.33 -7.22 18.47
N PRO B 95 4.15 -6.75 18.06
CA PRO B 95 3.12 -7.63 17.52
C PRO B 95 3.47 -8.26 16.15
N ALA B 96 4.54 -7.81 15.49
CA ALA B 96 5.06 -8.43 14.26
C ALA B 96 5.87 -9.67 14.63
N LEU B 97 6.30 -9.86 15.89
CA LEU B 97 6.98 -11.13 16.29
C LEU B 97 5.94 -12.26 16.29
N THR B 98 6.36 -13.42 15.84
CA THR B 98 5.56 -14.67 15.90
C THR B 98 6.23 -15.60 16.91
N ILE B 99 5.55 -16.66 17.35
CA ILE B 99 6.19 -17.71 18.19
C ILE B 99 7.44 -18.21 17.47
N SER B 100 7.36 -18.46 16.17
CA SER B 100 8.51 -18.95 15.37
C SER B 100 9.73 -18.03 15.58
N LYS B 101 9.54 -16.72 15.44
CA LYS B 101 10.62 -15.72 15.53
C LYS B 101 11.09 -15.64 16.99
N VAL B 102 10.17 -15.75 17.95
CA VAL B 102 10.51 -15.72 19.40
C VAL B 102 11.40 -16.92 19.74
N LEU B 103 11.07 -18.11 19.25
CA LEU B 103 11.86 -19.34 19.55
C LEU B 103 13.23 -19.24 18.88
N LEU B 104 13.30 -18.67 17.70
CA LEU B 104 14.58 -18.45 16.98
C LEU B 104 15.41 -17.44 17.78
N SER B 105 14.77 -16.37 18.26
CA SER B 105 15.35 -15.33 19.14
C SER B 105 15.92 -16.00 20.40
N ILE B 106 15.12 -16.80 21.11
CA ILE B 106 15.55 -17.47 22.38
C ILE B 106 16.74 -18.39 22.06
N CYS B 107 16.71 -19.06 20.91
CA CYS B 107 17.77 -20.00 20.47
C CYS B 107 19.08 -19.21 20.34
N SER B 108 19.02 -18.02 19.73
CA SER B 108 20.18 -17.11 19.50
C SER B 108 20.70 -16.58 20.85
N LEU B 109 19.85 -16.52 21.86
CA LEU B 109 20.22 -16.09 23.24
C LEU B 109 21.09 -17.16 23.91
N LEU B 110 20.83 -18.44 23.67
CA LEU B 110 21.58 -19.54 24.36
C LEU B 110 23.09 -19.34 24.13
N CYS B 111 23.50 -19.01 22.91
CA CYS B 111 24.93 -18.81 22.51
C CYS B 111 25.36 -17.35 22.55
N ASP B 112 24.56 -16.46 23.13
CA ASP B 112 24.81 -15.00 23.15
C ASP B 112 24.10 -14.43 24.37
N PRO B 113 24.43 -14.97 25.58
CA PRO B 113 23.84 -14.50 26.83
C PRO B 113 24.30 -13.08 27.16
N ASN B 114 23.57 -12.39 28.03
CA ASN B 114 24.00 -11.09 28.59
C ASN B 114 24.43 -11.33 30.04
N PRO B 115 25.72 -11.63 30.28
CA PRO B 115 26.24 -11.78 31.63
C PRO B 115 26.23 -10.44 32.39
N ASP B 116 26.32 -9.33 31.64
CA ASP B 116 26.54 -7.96 32.18
C ASP B 116 25.34 -7.52 33.02
N ASP B 117 24.12 -7.88 32.63
CA ASP B 117 22.89 -7.62 33.44
C ASP B 117 22.13 -8.94 33.59
N PRO B 118 22.62 -9.88 34.43
CA PRO B 118 22.15 -11.27 34.40
C PRO B 118 20.99 -11.55 35.36
N LEU B 119 20.19 -12.58 35.06
CA LEU B 119 19.10 -13.09 35.94
C LEU B 119 19.70 -13.98 37.04
N VAL B 120 20.86 -14.58 36.75
CA VAL B 120 21.58 -15.56 37.61
C VAL B 120 23.07 -15.16 37.65
N PRO B 121 23.42 -14.27 38.61
CA PRO B 121 24.77 -13.73 38.72
C PRO B 121 25.93 -14.74 38.71
N GLU B 122 25.84 -15.81 39.51
CA GLU B 122 26.98 -16.77 39.66
C GLU B 122 27.24 -17.43 38.30
N ILE B 123 26.18 -17.79 37.55
CA ILE B 123 26.33 -18.38 36.20
C ILE B 123 26.99 -17.32 35.29
N ALA B 124 26.58 -16.06 35.44
CA ALA B 124 27.16 -14.91 34.69
C ALA B 124 28.63 -14.72 35.10
N ARG B 125 28.91 -14.75 36.42
CA ARG B 125 30.29 -14.70 36.99
C ARG B 125 31.18 -15.71 36.24
N ILE B 126 30.75 -16.98 36.18
CA ILE B 126 31.53 -18.10 35.56
C ILE B 126 31.70 -17.85 34.06
N TYR B 127 30.66 -17.31 33.40
CA TYR B 127 30.64 -17.08 31.93
C TYR B 127 31.80 -16.16 31.52
N LYS B 128 32.01 -15.09 32.29
CA LYS B 128 33.02 -14.02 32.02
C LYS B 128 34.42 -14.51 32.41
N THR B 129 34.55 -15.05 33.64
CA THR B 129 35.85 -15.43 34.29
C THR B 129 36.43 -16.69 33.62
N ASP B 130 35.63 -17.75 33.53
CA ASP B 130 36.08 -19.10 33.10
C ASP B 130 35.07 -19.68 32.11
N ARG B 131 35.28 -19.41 30.82
CA ARG B 131 34.44 -19.90 29.70
C ARG B 131 34.48 -21.43 29.69
N GLU B 132 35.69 -22.01 29.64
CA GLU B 132 35.93 -23.48 29.51
C GLU B 132 35.07 -24.22 30.54
N LYS B 133 35.00 -23.68 31.77
CA LYS B 133 34.21 -24.22 32.90
C LYS B 133 32.71 -24.09 32.62
N TYR B 134 32.25 -22.87 32.28
CA TYR B 134 30.86 -22.54 31.86
C TYR B 134 30.37 -23.61 30.86
N ASN B 135 31.14 -23.84 29.78
CA ASN B 135 30.80 -24.85 28.73
C ASN B 135 30.68 -26.22 29.39
N ARG B 136 31.63 -26.59 30.25
CA ARG B 136 31.62 -27.90 30.95
C ARG B 136 30.32 -28.04 31.74
N ILE B 137 29.98 -27.07 32.62
CA ILE B 137 28.77 -27.18 33.48
C ILE B 137 27.51 -27.15 32.61
N ALA B 138 27.49 -26.28 31.60
CA ALA B 138 26.34 -26.11 30.69
C ALA B 138 26.08 -27.47 30.00
N ARG B 139 27.16 -28.11 29.54
CA ARG B 139 27.18 -29.48 28.91
C ARG B 139 26.65 -30.51 29.91
N GLU B 140 27.09 -30.45 31.17
CA GLU B 140 26.61 -31.37 32.23
C GLU B 140 25.09 -31.19 32.40
N TRP B 141 24.60 -29.96 32.49
CA TRP B 141 23.15 -29.69 32.64
C TRP B 141 22.37 -30.19 31.40
N THR B 142 22.99 -30.14 30.22
CA THR B 142 22.35 -30.60 28.96
C THR B 142 22.16 -32.12 29.03
N GLN B 143 23.23 -32.86 29.35
CA GLN B 143 23.21 -34.33 29.53
C GLN B 143 22.23 -34.69 30.64
N LYS B 144 22.31 -34.00 31.77
CA LYS B 144 21.47 -34.30 32.96
C LYS B 144 19.98 -34.08 32.64
N TYR B 145 19.63 -33.00 31.95
CA TYR B 145 18.22 -32.51 31.92
C TYR B 145 17.60 -32.56 30.51
N ALA B 146 18.38 -32.53 29.43
CA ALA B 146 17.86 -32.22 28.08
C ALA B 146 18.09 -33.36 27.09
N MET B 147 18.36 -34.57 27.59
CA MET B 147 18.62 -35.78 26.77
C MET B 147 17.90 -36.96 27.41
N SER C 5 29.43 -13.78 -6.84
CA SER C 5 28.07 -13.16 -6.87
C SER C 5 26.98 -14.25 -6.90
N MET C 6 26.17 -14.32 -5.84
CA MET C 6 25.15 -15.38 -5.60
C MET C 6 23.90 -14.78 -4.94
N GLN C 7 22.76 -15.49 -5.07
CA GLN C 7 21.50 -15.16 -4.38
C GLN C 7 21.49 -15.81 -3.00
N ILE C 8 21.06 -15.06 -1.99
CA ILE C 8 20.59 -15.64 -0.70
C ILE C 8 19.21 -15.08 -0.40
N PHE C 9 18.50 -15.75 0.52
CA PHE C 9 17.13 -15.44 0.95
C PHE C 9 17.18 -14.92 2.40
N VAL C 10 16.33 -13.96 2.72
CA VAL C 10 16.15 -13.46 4.11
C VAL C 10 14.65 -13.54 4.41
N LYS C 11 14.28 -14.35 5.39
CA LYS C 11 12.89 -14.43 5.89
C LYS C 11 12.71 -13.28 6.88
N THR C 12 12.04 -12.21 6.46
CA THR C 12 11.98 -10.93 7.24
C THR C 12 11.02 -11.14 8.42
N LEU C 13 10.74 -10.09 9.18
CA LEU C 13 10.03 -10.27 10.47
C LEU C 13 8.61 -10.82 10.23
N THR C 14 7.98 -10.43 9.12
CA THR C 14 6.56 -10.81 8.80
C THR C 14 6.50 -12.23 8.21
N GLY C 15 7.64 -12.84 7.87
CA GLY C 15 7.68 -14.13 7.17
C GLY C 15 7.81 -13.96 5.66
N LYS C 16 7.69 -12.73 5.17
CA LYS C 16 7.97 -12.37 3.76
C LYS C 16 9.45 -12.71 3.50
N THR C 17 9.72 -13.46 2.46
CA THR C 17 11.08 -13.82 2.03
C THR C 17 11.52 -12.86 0.93
N ILE C 18 12.68 -12.25 1.11
CA ILE C 18 13.34 -11.41 0.08
C ILE C 18 14.57 -12.13 -0.44
N THR C 19 14.97 -11.78 -1.67
CA THR C 19 16.20 -12.24 -2.36
C THR C 19 17.20 -11.10 -2.29
N LEU C 20 18.44 -11.42 -1.88
CA LEU C 20 19.58 -10.48 -1.93
C LEU C 20 20.63 -11.02 -2.93
N GLU C 21 21.25 -10.11 -3.68
CA GLU C 21 22.47 -10.39 -4.49
C GLU C 21 23.68 -10.08 -3.59
N VAL C 22 24.49 -11.09 -3.28
CA VAL C 22 25.63 -10.91 -2.33
C VAL C 22 26.84 -11.64 -2.89
N GLU C 23 28.02 -11.32 -2.37
CA GLU C 23 29.27 -12.11 -2.53
C GLU C 23 29.55 -12.85 -1.24
N PRO C 24 30.15 -14.07 -1.28
CA PRO C 24 30.59 -14.75 -0.07
C PRO C 24 31.45 -13.85 0.86
N SER C 25 32.10 -12.84 0.31
CA SER C 25 33.06 -11.97 1.05
C SER C 25 32.33 -10.77 1.67
N ASP C 26 31.06 -10.54 1.34
CA ASP C 26 30.23 -9.50 1.99
C ASP C 26 30.14 -9.76 3.49
N THR C 27 30.27 -8.70 4.28
CA THR C 27 30.12 -8.74 5.75
C THR C 27 28.63 -8.78 6.07
N ILE C 28 28.29 -9.10 7.33
CA ILE C 28 26.89 -9.10 7.83
C ILE C 28 26.39 -7.66 7.82
N GLU C 29 27.26 -6.72 8.19
CA GLU C 29 27.04 -5.26 8.08
C GLU C 29 26.51 -4.92 6.67
N ASN C 30 27.17 -5.43 5.64
CA ASN C 30 26.81 -5.16 4.23
C ASN C 30 25.42 -5.75 3.94
N VAL C 31 25.15 -6.97 4.42
CA VAL C 31 23.84 -7.65 4.22
C VAL C 31 22.74 -6.82 4.90
N LYS C 32 22.98 -6.34 6.13
CA LYS C 32 21.98 -5.51 6.86
C LYS C 32 21.71 -4.21 6.09
N ALA C 33 22.72 -3.66 5.42
CA ALA C 33 22.60 -2.45 4.60
C ALA C 33 21.70 -2.77 3.41
N LYS C 34 21.84 -3.95 2.79
CA LYS C 34 20.97 -4.36 1.66
C LYS C 34 19.54 -4.53 2.17
N ILE C 35 19.39 -5.09 3.37
CA ILE C 35 18.04 -5.25 3.97
C ILE C 35 17.44 -3.86 4.19
N GLN C 36 18.22 -2.89 4.70
CA GLN C 36 17.70 -1.53 4.96
C GLN C 36 17.18 -0.93 3.65
N ASP C 37 17.91 -1.12 2.55
CA ASP C 37 17.58 -0.56 1.23
C ASP C 37 16.27 -1.14 0.72
N LYS C 38 16.07 -2.44 0.87
CA LYS C 38 14.84 -3.11 0.38
C LYS C 38 13.65 -2.93 1.34
N GLU C 39 13.89 -2.78 2.64
CA GLU C 39 12.79 -2.93 3.65
C GLU C 39 12.69 -1.72 4.56
N GLY C 40 13.67 -0.81 4.55
CA GLY C 40 13.63 0.39 5.42
C GLY C 40 13.70 0.05 6.89
N ILE C 41 14.35 -1.08 7.22
CA ILE C 41 14.65 -1.47 8.62
C ILE C 41 16.09 -1.05 8.91
N PRO C 42 16.30 -0.19 9.92
CA PRO C 42 17.63 0.21 10.32
C PRO C 42 18.45 -1.01 10.77
N PRO C 43 19.70 -1.14 10.30
CA PRO C 43 20.60 -2.22 10.71
C PRO C 43 20.63 -2.47 12.23
N ASP C 44 20.55 -1.42 13.05
CA ASP C 44 20.63 -1.55 14.52
C ASP C 44 19.43 -2.34 15.06
N GLN C 45 18.36 -2.52 14.29
CA GLN C 45 17.14 -3.25 14.75
C GLN C 45 17.11 -4.63 14.10
N GLN C 46 18.09 -4.94 13.27
CA GLN C 46 18.24 -6.26 12.58
C GLN C 46 19.10 -7.20 13.41
N ARG C 47 18.58 -8.38 13.76
CA ARG C 47 19.40 -9.51 14.27
C ARG C 47 19.22 -10.66 13.30
N LEU C 48 20.30 -11.00 12.57
CA LEU C 48 20.25 -12.06 11.55
C LEU C 48 20.69 -13.34 12.23
N ILE C 49 19.99 -14.43 11.92
CA ILE C 49 20.22 -15.74 12.55
C ILE C 49 20.41 -16.77 11.44
N PHE C 50 21.40 -17.63 11.59
CA PHE C 50 21.67 -18.76 10.67
C PHE C 50 22.17 -19.93 11.53
N ALA C 51 21.64 -21.14 11.33
CA ALA C 51 21.99 -22.33 12.14
C ALA C 51 21.82 -21.99 13.62
N GLY C 52 20.80 -21.18 13.96
CA GLY C 52 20.34 -20.92 15.34
C GLY C 52 21.16 -19.89 16.10
N LYS C 53 22.19 -19.30 15.47
CA LYS C 53 23.09 -18.30 16.11
C LYS C 53 23.00 -16.92 15.43
N GLN C 54 23.19 -15.85 16.22
CA GLN C 54 23.20 -14.46 15.72
C GLN C 54 24.45 -14.30 14.84
N LEU C 55 24.37 -13.51 13.76
CA LEU C 55 25.53 -13.26 12.87
C LEU C 55 26.12 -11.89 13.25
N GLU C 56 27.43 -11.81 13.47
CA GLU C 56 28.11 -10.56 13.94
C GLU C 56 28.52 -9.72 12.72
N ASP C 57 28.50 -8.41 12.91
CA ASP C 57 28.57 -7.38 11.84
C ASP C 57 29.91 -7.45 11.08
N GLY C 58 31.02 -7.73 11.76
CA GLY C 58 32.38 -7.70 11.19
C GLY C 58 32.70 -8.97 10.41
N ARG C 59 32.00 -10.06 10.65
CA ARG C 59 32.30 -11.36 9.98
C ARG C 59 31.60 -11.38 8.62
N THR C 60 31.96 -12.33 7.76
CA THR C 60 31.47 -12.46 6.35
C THR C 60 30.54 -13.67 6.22
N LEU C 61 29.80 -13.74 5.11
CA LEU C 61 28.93 -14.89 4.74
C LEU C 61 29.77 -16.16 4.60
N SER C 62 30.95 -16.03 4.00
CA SER C 62 31.99 -17.08 3.89
C SER C 62 32.30 -17.61 5.30
N ASP C 63 32.55 -16.72 6.27
CA ASP C 63 32.91 -17.09 7.67
C ASP C 63 31.86 -18.03 8.29
N TYR C 64 30.58 -17.86 7.97
CA TYR C 64 29.46 -18.61 8.58
C TYR C 64 29.05 -19.78 7.67
N ASN C 65 29.79 -19.98 6.58
CA ASN C 65 29.55 -21.05 5.57
C ASN C 65 28.14 -20.88 4.97
N ILE C 66 27.74 -19.63 4.74
CA ILE C 66 26.48 -19.26 4.02
C ILE C 66 26.77 -19.28 2.51
N GLN C 67 26.01 -20.08 1.78
CA GLN C 67 26.25 -20.42 0.35
C GLN C 67 25.02 -20.05 -0.47
N LYS C 68 25.11 -20.22 -1.79
CA LYS C 68 24.00 -20.01 -2.76
C LYS C 68 22.70 -20.52 -2.16
N GLU C 69 21.68 -19.67 -2.07
CA GLU C 69 20.26 -20.06 -1.84
C GLU C 69 20.05 -20.49 -0.38
N SER C 70 21.03 -20.20 0.48
CA SER C 70 20.88 -20.16 1.95
C SER C 70 19.75 -19.18 2.34
N THR C 71 18.99 -19.51 3.38
CA THR C 71 18.03 -18.57 3.99
C THR C 71 18.56 -18.09 5.35
N LEU C 72 18.76 -16.78 5.51
CA LEU C 72 18.94 -16.13 6.84
C LEU C 72 17.57 -15.77 7.40
N HIS C 73 17.44 -15.80 8.73
CA HIS C 73 16.23 -15.47 9.52
C HIS C 73 16.41 -14.11 10.21
N LEU C 74 15.55 -13.15 9.88
CA LEU C 74 15.60 -11.80 10.50
C LEU C 74 14.64 -11.78 11.69
N VAL C 75 15.17 -11.49 12.88
CA VAL C 75 14.32 -11.13 14.05
C VAL C 75 14.67 -9.70 14.48
N LEU C 76 14.01 -9.23 15.55
CA LEU C 76 14.28 -7.88 16.09
C LEU C 76 15.46 -7.92 17.05
N ARG C 77 16.25 -6.85 17.02
CA ARG C 77 17.30 -6.56 18.04
CA ARG C 77 17.29 -6.57 18.04
C ARG C 77 16.73 -6.95 19.42
N LEU C 78 17.43 -7.80 20.16
CA LEU C 78 17.02 -8.23 21.52
C LEU C 78 18.19 -8.07 22.50
N ARG C 79 17.87 -8.06 23.79
CA ARG C 79 18.88 -8.07 24.88
C ARG C 79 18.39 -9.02 25.97
N GLY C 80 19.15 -10.07 26.26
CA GLY C 80 19.01 -10.82 27.52
C GLY C 80 19.26 -9.91 28.72
N GLY C 81 18.68 -10.22 29.88
CA GLY C 81 18.91 -9.48 31.13
C GLY C 81 18.66 -10.39 32.32
N PRO D 15 -7.13 -4.80 -1.79
CA PRO D 15 -6.89 -3.77 -2.83
C PRO D 15 -6.02 -4.25 -4.02
N LEU D 16 -6.61 -4.96 -5.02
CA LEU D 16 -5.86 -5.60 -6.14
C LEU D 16 -5.01 -4.59 -6.94
N ASN D 17 -5.32 -3.29 -6.91
CA ASN D 17 -4.52 -2.24 -7.63
C ASN D 17 -3.22 -1.90 -6.88
N ALA D 18 -3.08 -2.30 -5.61
CA ALA D 18 -1.88 -2.00 -4.78
C ALA D 18 -0.62 -2.56 -5.46
N ILE D 19 -0.77 -3.65 -6.24
CA ILE D 19 0.36 -4.41 -6.85
C ILE D 19 0.59 -3.97 -8.30
N GLU D 20 -0.24 -3.09 -8.86
CA GLU D 20 -0.09 -2.57 -10.24
C GLU D 20 0.90 -1.41 -10.24
N PRO D 21 1.52 -1.05 -11.39
CA PRO D 21 2.53 0.00 -11.41
C PRO D 21 1.93 1.41 -11.20
N CYS D 22 2.80 2.32 -10.80
CA CYS D 22 2.55 3.78 -10.78
C CYS D 22 1.66 4.20 -11.97
N VAL D 23 0.50 4.81 -11.71
CA VAL D 23 -0.48 5.20 -12.77
C VAL D 23 0.08 6.35 -13.62
N ILE D 24 1.14 7.01 -13.19
CA ILE D 24 1.74 8.18 -13.91
C ILE D 24 2.82 7.72 -14.91
N CYS D 25 3.79 6.91 -14.47
CA CYS D 25 4.94 6.45 -15.30
C CYS D 25 4.70 5.02 -15.82
N GLN D 26 3.74 4.30 -15.25
CA GLN D 26 3.42 2.87 -15.55
C GLN D 26 4.66 1.96 -15.53
N THR D 27 5.67 2.28 -14.72
CA THR D 27 6.94 1.51 -14.59
C THR D 27 7.16 1.08 -13.13
N ARG D 28 7.43 2.06 -12.26
CA ARG D 28 7.87 1.83 -10.86
C ARG D 28 6.67 1.39 -10.02
N PRO D 29 6.91 0.73 -8.87
CA PRO D 29 5.81 0.30 -8.01
C PRO D 29 5.14 1.47 -7.27
N LYS D 30 3.93 1.25 -6.75
CA LYS D 30 3.19 2.23 -5.93
C LYS D 30 3.81 2.32 -4.52
N ASN D 31 4.84 3.15 -4.36
CA ASN D 31 5.55 3.34 -3.06
C ASN D 31 5.68 4.82 -2.68
N GLY D 32 5.06 5.73 -3.42
CA GLY D 32 5.05 7.18 -3.13
C GLY D 32 3.69 7.59 -2.58
N CYS D 33 3.47 7.39 -1.28
CA CYS D 33 2.16 7.68 -0.67
C CYS D 33 2.01 9.19 -0.55
N ILE D 34 0.94 9.72 -1.13
CA ILE D 34 0.62 11.17 -1.05
C ILE D 34 -0.23 11.36 0.19
N VAL D 35 0.29 12.05 1.20
CA VAL D 35 -0.35 12.20 2.53
C VAL D 35 -1.01 13.58 2.61
N HIS D 36 -2.17 13.67 3.25
CA HIS D 36 -2.90 14.93 3.53
C HIS D 36 -3.71 14.67 4.80
N GLY D 37 -3.28 15.23 5.92
CA GLY D 37 -3.92 15.00 7.22
C GLY D 37 -3.63 13.58 7.68
N LYS D 38 -4.67 12.79 7.95
CA LYS D 38 -4.55 11.38 8.38
C LYS D 38 -4.97 10.43 7.24
N THR D 39 -5.06 10.91 6.00
CA THR D 39 -5.40 10.04 4.85
C THR D 39 -4.29 10.15 3.80
N GLY D 40 -4.23 9.14 2.93
CA GLY D 40 -3.22 9.06 1.86
C GLY D 40 -3.82 8.42 0.63
N HIS D 41 -3.47 8.92 -0.55
CA HIS D 41 -3.75 8.24 -1.86
C HIS D 41 -2.43 7.64 -2.34
N LEU D 42 -2.39 6.31 -2.45
CA LEU D 42 -1.21 5.57 -2.98
C LEU D 42 -1.54 5.00 -4.35
N MET D 43 -1.09 5.65 -5.41
CA MET D 43 -1.32 5.22 -6.81
C MET D 43 -0.10 5.57 -7.67
N ALA D 44 0.97 6.05 -7.05
CA ALA D 44 2.13 6.64 -7.72
C ALA D 44 3.39 6.21 -6.99
N CYS D 45 4.48 6.08 -7.74
CA CYS D 45 5.83 5.79 -7.24
C CYS D 45 6.37 7.03 -6.53
N PHE D 46 7.40 6.84 -5.71
CA PHE D 46 8.05 7.92 -4.94
C PHE D 46 8.52 9.04 -5.90
N THR D 47 9.19 8.68 -6.98
CA THR D 47 9.75 9.63 -7.98
C THR D 47 8.63 10.51 -8.52
N CYS D 48 7.56 9.91 -9.03
CA CYS D 48 6.42 10.66 -9.62
C CYS D 48 5.79 11.54 -8.54
N ALA D 49 5.54 11.00 -7.36
CA ALA D 49 4.85 11.72 -6.26
C ALA D 49 5.71 12.87 -5.75
N LYS D 50 7.04 12.70 -5.70
CA LYS D 50 7.99 13.76 -5.27
C LYS D 50 7.99 14.93 -6.28
N LYS D 51 7.93 14.64 -7.58
CA LYS D 51 7.86 15.70 -8.62
C LYS D 51 6.62 16.56 -8.34
N LEU D 52 5.48 15.94 -8.04
CA LEU D 52 4.22 16.66 -7.78
C LEU D 52 4.41 17.56 -6.55
N LYS D 53 4.98 17.01 -5.48
CA LYS D 53 5.23 17.77 -4.23
C LYS D 53 6.15 18.96 -4.54
N LYS D 54 7.29 18.69 -5.19
CA LYS D 54 8.33 19.70 -5.56
C LYS D 54 7.66 20.85 -6.34
N ARG D 55 6.79 20.54 -7.31
CA ARG D 55 6.07 21.55 -8.12
C ARG D 55 4.81 22.06 -7.40
N ASN D 56 4.61 21.69 -6.14
CA ASN D 56 3.47 22.17 -5.29
C ASN D 56 2.14 21.91 -6.00
N LYS D 57 1.99 20.73 -6.59
CA LYS D 57 0.71 20.29 -7.20
C LYS D 57 -0.15 19.64 -6.13
N PRO D 58 -1.47 19.59 -6.33
CA PRO D 58 -2.36 18.90 -5.40
C PRO D 58 -2.30 17.38 -5.60
N CYS D 59 -2.99 16.65 -4.72
CA CYS D 59 -3.23 15.20 -4.89
C CYS D 59 -3.95 14.98 -6.23
N PRO D 60 -3.43 14.15 -7.16
CA PRO D 60 -4.10 13.94 -8.44
C PRO D 60 -5.55 13.42 -8.38
N VAL D 61 -5.94 12.69 -7.34
CA VAL D 61 -7.31 12.07 -7.35
C VAL D 61 -8.29 12.83 -6.45
N CYS D 62 -7.81 13.53 -5.40
CA CYS D 62 -8.71 14.21 -4.43
C CYS D 62 -8.50 15.74 -4.44
N ARG D 63 -7.41 16.24 -5.05
CA ARG D 63 -7.08 17.68 -5.14
C ARG D 63 -6.86 18.34 -3.76
N GLN D 64 -6.72 17.61 -2.66
CA GLN D 64 -6.26 18.21 -1.37
C GLN D 64 -4.77 18.52 -1.53
N PRO D 65 -4.20 19.52 -0.84
CA PRO D 65 -2.76 19.80 -0.96
C PRO D 65 -1.91 18.59 -0.51
N ILE D 66 -0.71 18.42 -1.06
CA ILE D 66 0.18 17.30 -0.65
C ILE D 66 0.99 17.73 0.57
N GLN D 67 0.66 17.20 1.75
CA GLN D 67 1.34 17.57 3.02
C GLN D 67 2.75 16.96 3.01
N MET D 68 2.88 15.71 2.60
CA MET D 68 4.19 15.05 2.46
C MET D 68 4.07 13.84 1.53
N ILE D 69 5.19 13.43 0.97
CA ILE D 69 5.35 12.10 0.33
C ILE D 69 6.02 11.17 1.34
N VAL D 70 5.46 9.97 1.49
CA VAL D 70 6.00 8.91 2.37
C VAL D 70 6.44 7.75 1.47
N LEU D 71 7.72 7.43 1.51
CA LEU D 71 8.25 6.23 0.83
C LEU D 71 7.69 5.01 1.56
N THR D 72 6.82 4.27 0.90
CA THR D 72 5.95 3.24 1.54
C THR D 72 6.56 1.87 1.27
N TYR D 73 6.89 1.16 2.34
CA TYR D 73 7.35 -0.24 2.32
C TYR D 73 6.19 -1.12 2.75
N PHE D 74 6.14 -2.34 2.22
CA PHE D 74 5.18 -3.40 2.61
C PHE D 74 5.97 -4.54 3.27
N PRO D 75 6.33 -4.39 4.57
CA PRO D 75 7.15 -5.39 5.25
C PRO D 75 6.49 -6.77 5.31
N ALA E 2 6.72 9.75 -21.12
CA ALA E 2 5.31 9.98 -21.59
C ALA E 2 4.80 8.75 -22.34
N LEU E 3 5.65 8.19 -23.21
CA LEU E 3 5.30 7.09 -24.15
C LEU E 3 4.72 5.88 -23.39
N LYS E 4 5.34 5.45 -22.28
CA LYS E 4 4.85 4.25 -21.52
C LYS E 4 3.41 4.50 -21.03
N ARG E 5 3.14 5.70 -20.53
CA ARG E 5 1.79 6.07 -20.02
C ARG E 5 0.80 6.13 -21.19
N ILE E 6 1.22 6.63 -22.35
CA ILE E 6 0.34 6.80 -23.54
C ILE E 6 0.01 5.43 -24.12
N HIS E 7 1.01 4.54 -24.23
CA HIS E 7 0.79 3.13 -24.69
C HIS E 7 -0.22 2.48 -23.76
N LYS E 8 -0.04 2.64 -22.45
CA LYS E 8 -0.97 2.12 -21.41
C LYS E 8 -2.39 2.61 -21.70
N GLU E 9 -2.57 3.92 -21.93
CA GLU E 9 -3.90 4.50 -22.17
C GLU E 9 -4.48 3.87 -23.45
N LEU E 10 -3.66 3.72 -24.48
CA LEU E 10 -4.15 3.16 -25.76
C LEU E 10 -4.58 1.68 -25.58
N ASN E 11 -3.79 0.90 -24.85
CA ASN E 11 -4.12 -0.52 -24.54
C ASN E 11 -5.41 -0.56 -23.71
N ASP E 12 -5.60 0.36 -22.77
CA ASP E 12 -6.83 0.37 -21.95
C ASP E 12 -8.03 0.59 -22.85
N LEU E 13 -7.93 1.47 -23.84
CA LEU E 13 -9.03 1.76 -24.81
C LEU E 13 -9.32 0.51 -25.67
N ALA E 14 -8.28 -0.21 -26.08
CA ALA E 14 -8.38 -1.50 -26.82
C ALA E 14 -9.11 -2.55 -25.94
N ARG E 15 -8.76 -2.61 -24.65
CA ARG E 15 -9.13 -3.71 -23.69
C ARG E 15 -10.47 -3.45 -23.04
N ASP E 16 -10.85 -2.19 -22.88
CA ASP E 16 -12.08 -1.75 -22.17
C ASP E 16 -12.64 -0.51 -22.87
N PRO E 17 -13.20 -0.66 -24.10
CA PRO E 17 -13.47 0.50 -24.94
C PRO E 17 -14.64 1.30 -24.38
N PRO E 18 -14.55 2.65 -24.40
CA PRO E 18 -15.62 3.49 -23.88
C PRO E 18 -16.91 3.35 -24.70
N ALA E 19 -18.07 3.52 -24.07
CA ALA E 19 -19.36 3.75 -24.76
C ALA E 19 -19.29 5.05 -25.58
N GLN E 20 -18.74 6.12 -25.00
CA GLN E 20 -19.10 7.53 -25.35
C GLN E 20 -18.12 8.07 -26.41
N CYS E 21 -16.93 7.47 -26.54
CA CYS E 21 -15.69 8.12 -27.06
C CYS E 21 -14.79 7.08 -27.74
N ARG E 22 -14.09 7.50 -28.79
CA ARG E 22 -12.94 6.74 -29.36
C ARG E 22 -11.75 7.68 -29.47
N ALA E 23 -10.55 7.14 -29.39
CA ALA E 23 -9.31 7.89 -29.68
C ALA E 23 -8.17 6.91 -29.97
N GLY E 24 -7.22 7.34 -30.78
CA GLY E 24 -6.03 6.55 -31.09
C GLY E 24 -5.08 7.35 -31.99
N PRO E 25 -3.85 6.84 -32.19
CA PRO E 25 -2.87 7.54 -33.02
C PRO E 25 -3.45 7.81 -34.41
N VAL E 26 -3.27 9.03 -34.90
CA VAL E 26 -3.15 9.36 -36.35
C VAL E 26 -1.89 8.66 -36.84
N GLY E 27 -2.07 7.60 -37.64
CA GLY E 27 -0.97 6.84 -38.28
C GLY E 27 0.10 6.39 -37.30
N ASP E 28 1.32 6.91 -37.46
CA ASP E 28 2.56 6.36 -36.85
C ASP E 28 2.96 7.17 -35.61
N ASP E 29 2.37 8.35 -35.40
CA ASP E 29 2.77 9.33 -34.36
C ASP E 29 1.96 9.05 -33.07
N MET E 30 2.61 8.48 -32.06
CA MET E 30 1.96 8.12 -30.77
C MET E 30 1.55 9.39 -30.03
N PHE E 31 2.19 10.54 -30.32
CA PHE E 31 1.98 11.84 -29.61
C PHE E 31 0.82 12.63 -30.21
N HIS E 32 0.26 12.18 -31.34
CA HIS E 32 -0.86 12.88 -32.01
C HIS E 32 -1.99 11.87 -32.25
N TRP E 33 -3.12 12.08 -31.57
CA TRP E 33 -4.29 11.17 -31.63
C TRP E 33 -5.44 11.94 -32.27
N GLN E 34 -6.40 11.19 -32.81
CA GLN E 34 -7.71 11.74 -33.23
C GLN E 34 -8.74 11.13 -32.30
N ALA E 35 -9.82 11.84 -32.02
CA ALA E 35 -10.90 11.28 -31.16
C ALA E 35 -12.23 11.69 -31.75
N THR E 36 -13.27 10.96 -31.33
CA THR E 36 -14.69 11.25 -31.64
C THR E 36 -15.46 11.26 -30.32
N ILE E 37 -16.31 12.28 -30.16
CA ILE E 37 -17.34 12.39 -29.08
C ILE E 37 -18.71 12.27 -29.74
N MET E 38 -19.58 11.43 -29.18
CA MET E 38 -21.03 11.39 -29.50
C MET E 38 -21.71 12.55 -28.76
N GLY E 39 -22.53 13.35 -29.43
CA GLY E 39 -23.41 14.30 -28.74
C GLY E 39 -24.23 13.56 -27.68
N PRO E 40 -24.31 14.04 -26.42
CA PRO E 40 -25.16 13.37 -25.44
C PRO E 40 -26.64 13.43 -25.86
N ASN E 41 -27.35 12.33 -25.60
CA ASN E 41 -28.84 12.21 -25.70
C ASN E 41 -29.51 13.39 -25.01
N ASP E 42 -30.72 13.73 -25.46
CA ASP E 42 -31.60 14.74 -24.82
C ASP E 42 -30.87 16.08 -24.77
N SER E 43 -30.12 16.41 -25.82
CA SER E 43 -29.43 17.72 -25.95
C SER E 43 -29.47 18.15 -27.40
N PRO E 44 -29.33 19.46 -27.69
CA PRO E 44 -29.23 19.93 -29.07
C PRO E 44 -28.12 19.22 -29.87
N TYR E 45 -27.19 18.55 -29.18
CA TYR E 45 -25.98 17.92 -29.78
C TYR E 45 -26.25 16.44 -30.13
N GLN E 46 -27.39 15.87 -29.73
CA GLN E 46 -27.65 14.41 -29.88
C GLN E 46 -27.62 14.04 -31.36
N GLY E 47 -26.99 12.91 -31.68
CA GLY E 47 -26.81 12.42 -33.05
C GLY E 47 -25.54 12.96 -33.68
N GLY E 48 -24.96 14.02 -33.08
CA GLY E 48 -23.66 14.57 -33.51
C GLY E 48 -22.52 13.58 -33.28
N VAL E 49 -21.64 13.41 -34.25
CA VAL E 49 -20.28 12.85 -34.06
C VAL E 49 -19.30 14.02 -34.19
N PHE E 50 -18.51 14.28 -33.16
CA PHE E 50 -17.54 15.40 -33.15
C PHE E 50 -16.12 14.84 -33.17
N PHE E 51 -15.30 15.27 -34.13
CA PHE E 51 -13.86 14.92 -34.23
C PHE E 51 -13.01 15.92 -33.44
N LEU E 52 -12.02 15.38 -32.73
CA LEU E 52 -11.04 16.18 -31.96
C LEU E 52 -9.64 15.72 -32.33
N THR E 53 -8.69 16.64 -32.22
CA THR E 53 -7.24 16.33 -32.22
C THR E 53 -6.77 16.36 -30.77
N ILE E 54 -5.83 15.48 -30.45
CA ILE E 54 -5.13 15.41 -29.14
C ILE E 54 -3.64 15.39 -29.44
N HIS E 55 -2.89 16.34 -28.88
CA HIS E 55 -1.41 16.38 -28.89
C HIS E 55 -0.92 16.21 -27.45
N PHE E 56 -0.13 15.17 -27.19
CA PHE E 56 0.45 14.89 -25.86
C PHE E 56 1.74 15.68 -25.71
N PRO E 57 1.87 16.56 -24.69
CA PRO E 57 3.09 17.33 -24.51
C PRO E 57 4.23 16.42 -24.03
N THR E 58 5.44 16.96 -24.06
CA THR E 58 6.72 16.26 -23.69
C THR E 58 6.61 15.68 -22.27
N ASP E 59 5.95 16.41 -21.37
CA ASP E 59 5.90 16.04 -19.93
C ASP E 59 4.50 15.51 -19.56
N TYR E 60 3.70 15.06 -20.52
CA TYR E 60 2.47 14.28 -20.23
C TYR E 60 2.87 13.08 -19.37
N PRO E 61 2.11 12.67 -18.32
CA PRO E 61 0.86 13.32 -17.92
C PRO E 61 0.95 14.42 -16.85
N PHE E 62 2.13 14.97 -16.57
CA PHE E 62 2.27 16.05 -15.57
C PHE E 62 1.63 17.31 -16.13
N LYS E 63 1.81 17.54 -17.43
CA LYS E 63 1.16 18.62 -18.20
C LYS E 63 -0.01 18.04 -18.99
N PRO E 64 -1.10 18.83 -19.15
CA PRO E 64 -2.28 18.34 -19.84
C PRO E 64 -2.10 18.14 -21.35
N PRO E 65 -2.95 17.29 -21.97
CA PRO E 65 -2.96 17.15 -23.43
C PRO E 65 -3.58 18.39 -24.06
N LYS E 66 -3.15 18.72 -25.27
CA LYS E 66 -3.79 19.78 -26.10
C LYS E 66 -4.93 19.11 -26.87
N VAL E 67 -6.14 19.55 -26.58
CA VAL E 67 -7.39 18.93 -27.08
C VAL E 67 -8.21 20.03 -27.77
N ALA E 68 -8.54 19.83 -29.04
CA ALA E 68 -9.29 20.78 -29.89
C ALA E 68 -10.33 20.01 -30.71
N PHE E 69 -11.54 20.55 -30.85
CA PHE E 69 -12.54 20.09 -31.85
C PHE E 69 -12.05 20.46 -33.25
N THR E 70 -12.15 19.53 -34.20
CA THR E 70 -12.00 19.78 -35.66
C THR E 70 -13.39 19.91 -36.28
N THR E 71 -14.42 19.30 -35.68
CA THR E 71 -15.83 19.55 -36.04
C THR E 71 -16.28 20.86 -35.40
N ARG E 72 -16.94 21.73 -36.17
CA ARG E 72 -17.56 22.97 -35.65
C ARG E 72 -18.66 22.60 -34.67
N ILE E 73 -18.72 23.29 -33.54
CA ILE E 73 -19.77 23.08 -32.51
C ILE E 73 -20.13 24.45 -31.91
N TYR E 74 -21.39 24.59 -31.46
CA TYR E 74 -21.98 25.87 -30.99
C TYR E 74 -22.01 25.84 -29.46
N HIS E 75 -21.07 26.52 -28.81
CA HIS E 75 -20.90 26.43 -27.33
C HIS E 75 -20.19 27.67 -26.81
N PRO E 76 -20.64 28.22 -25.66
CA PRO E 76 -20.00 29.37 -25.03
C PRO E 76 -18.48 29.21 -24.79
N ASN E 77 -18.02 27.97 -24.58
CA ASN E 77 -16.68 27.67 -24.04
C ASN E 77 -15.80 27.01 -25.12
N ILE E 78 -16.32 26.87 -26.34
CA ILE E 78 -15.58 26.32 -27.51
C ILE E 78 -15.68 27.33 -28.68
N ASN E 79 -14.56 27.69 -29.29
CA ASN E 79 -14.49 28.76 -30.34
C ASN E 79 -14.42 28.16 -31.75
N SER E 80 -14.47 29.05 -32.77
CA SER E 80 -14.45 28.78 -34.23
C SER E 80 -13.27 27.87 -34.58
N ASN E 81 -12.15 28.03 -33.89
CA ASN E 81 -10.90 27.26 -34.09
C ASN E 81 -10.99 25.87 -33.43
N GLY E 82 -12.07 25.57 -32.72
CA GLY E 82 -12.23 24.32 -31.96
C GLY E 82 -11.52 24.36 -30.61
N SER E 83 -11.06 25.53 -30.16
CA SER E 83 -10.37 25.68 -28.86
C SER E 83 -11.40 25.50 -27.74
N ILE E 84 -11.05 24.71 -26.72
CA ILE E 84 -11.91 24.43 -25.55
C ILE E 84 -11.31 25.18 -24.36
N LYS E 85 -12.01 26.17 -23.82
CA LYS E 85 -11.59 26.83 -22.56
C LYS E 85 -12.28 26.10 -21.41
N LEU E 86 -11.50 25.29 -20.69
CA LEU E 86 -11.97 24.33 -19.66
C LEU E 86 -10.87 24.13 -18.61
N ASP E 87 -11.22 24.23 -17.33
CA ASP E 87 -10.19 24.34 -16.25
C ASP E 87 -9.31 23.07 -16.25
N ILE E 88 -9.87 21.89 -16.49
CA ILE E 88 -9.08 20.62 -16.41
C ILE E 88 -8.07 20.55 -17.55
N LEU E 89 -8.16 21.41 -18.57
CA LEU E 89 -7.18 21.42 -19.69
C LEU E 89 -6.10 22.48 -19.45
N ARG E 90 -6.20 23.26 -18.37
CA ARG E 90 -5.19 24.28 -17.97
C ARG E 90 -4.84 24.05 -16.48
N SER E 91 -5.21 24.97 -15.59
CA SER E 91 -4.71 24.98 -14.19
C SER E 91 -5.31 23.82 -13.39
N GLN E 92 -6.48 23.27 -13.75
CA GLN E 92 -7.13 22.24 -12.90
C GLN E 92 -6.87 20.83 -13.47
N TRP E 93 -5.88 20.68 -14.34
CA TRP E 93 -5.37 19.36 -14.78
C TRP E 93 -4.97 18.50 -13.57
N SER E 94 -5.12 17.21 -13.71
CA SER E 94 -4.56 16.17 -12.82
C SER E 94 -3.88 15.14 -13.71
N PRO E 95 -2.68 14.62 -13.37
CA PRO E 95 -2.10 13.50 -14.11
C PRO E 95 -2.85 12.17 -13.96
N ALA E 96 -3.79 12.05 -13.02
CA ALA E 96 -4.71 10.90 -12.92
C ALA E 96 -5.79 10.95 -14.01
N LEU E 97 -6.03 12.09 -14.66
CA LEU E 97 -6.94 12.15 -15.83
C LEU E 97 -6.27 11.45 -17.03
N THR E 98 -7.04 10.69 -17.75
CA THR E 98 -6.65 9.93 -18.98
C THR E 98 -7.45 10.52 -20.13
N ILE E 99 -7.06 10.25 -21.36
CA ILE E 99 -7.81 10.76 -22.55
C ILE E 99 -9.29 10.36 -22.43
N SER E 100 -9.58 9.12 -22.03
CA SER E 100 -11.00 8.67 -22.00
C SER E 100 -11.78 9.52 -20.99
N LYS E 101 -11.20 9.81 -19.82
CA LYS E 101 -11.86 10.64 -18.77
C LYS E 101 -12.00 12.09 -19.28
N VAL E 102 -10.99 12.58 -20.01
CA VAL E 102 -11.02 13.95 -20.58
C VAL E 102 -12.14 14.06 -21.62
N LEU E 103 -12.30 13.04 -22.48
CA LEU E 103 -13.32 13.07 -23.57
C LEU E 103 -14.72 13.01 -22.94
N LEU E 104 -14.88 12.21 -21.89
CA LEU E 104 -16.16 12.14 -21.17
C LEU E 104 -16.41 13.47 -20.44
N SER E 105 -15.38 14.06 -19.86
CA SER E 105 -15.42 15.40 -19.23
C SER E 105 -15.89 16.44 -20.26
N ILE E 106 -15.26 16.50 -21.44
CA ILE E 106 -15.63 17.46 -22.52
C ILE E 106 -17.08 17.24 -22.94
N CYS E 107 -17.52 15.99 -22.99
CA CYS E 107 -18.90 15.62 -23.36
C CYS E 107 -19.87 16.22 -22.33
N SER E 108 -19.55 16.13 -21.04
CA SER E 108 -20.36 16.65 -19.91
C SER E 108 -20.38 18.18 -19.95
N LEU E 109 -19.37 18.79 -20.57
CA LEU E 109 -19.27 20.27 -20.74
C LEU E 109 -20.35 20.75 -21.73
N LEU E 110 -20.64 19.98 -22.77
CA LEU E 110 -21.59 20.41 -23.83
C LEU E 110 -22.93 20.81 -23.18
N CYS E 111 -23.42 20.04 -22.20
CA CYS E 111 -24.72 20.30 -21.50
C CYS E 111 -24.52 21.03 -20.16
N ASP E 112 -23.34 21.61 -19.92
CA ASP E 112 -23.00 22.31 -18.67
C ASP E 112 -22.00 23.42 -18.98
N PRO E 113 -22.36 24.34 -19.91
CA PRO E 113 -21.49 25.45 -20.27
C PRO E 113 -21.38 26.50 -19.15
N ASN E 114 -20.34 27.33 -19.19
CA ASN E 114 -20.19 28.51 -18.30
C ASN E 114 -20.36 29.75 -19.18
N PRO E 115 -21.60 30.27 -19.33
CA PRO E 115 -21.82 31.53 -20.05
C PRO E 115 -21.19 32.73 -19.31
N ASP E 116 -21.07 32.63 -17.99
CA ASP E 116 -20.69 33.76 -17.09
C ASP E 116 -19.24 34.19 -17.35
N ASP E 117 -18.34 33.25 -17.66
CA ASP E 117 -16.94 33.55 -18.08
C ASP E 117 -16.68 32.85 -19.41
N PRO E 118 -17.24 33.33 -20.54
CA PRO E 118 -17.30 32.55 -21.78
C PRO E 118 -16.12 32.81 -22.71
N LEU E 119 -15.79 31.84 -23.58
CA LEU E 119 -14.77 31.97 -24.66
C LEU E 119 -15.38 32.72 -25.86
N VAL E 120 -16.70 32.64 -26.00
CA VAL E 120 -17.49 33.22 -27.13
C VAL E 120 -18.68 33.96 -26.53
N PRO E 121 -18.48 35.26 -26.21
CA PRO E 121 -19.52 36.09 -25.59
C PRO E 121 -20.91 36.04 -26.26
N GLU E 122 -20.97 36.18 -27.59
CA GLU E 122 -22.26 36.25 -28.36
C GLU E 122 -23.06 34.98 -28.09
N ILE E 123 -22.42 33.82 -28.17
CA ILE E 123 -23.09 32.50 -27.92
C ILE E 123 -23.53 32.49 -26.45
N ALA E 124 -22.70 33.01 -25.55
CA ALA E 124 -23.04 33.15 -24.11
C ALA E 124 -24.21 34.12 -23.94
N ARG E 125 -24.16 35.28 -24.60
CA ARG E 125 -25.26 36.29 -24.67
C ARG E 125 -26.59 35.58 -24.99
N ILE E 126 -26.62 34.78 -26.06
CA ILE E 126 -27.84 34.06 -26.55
C ILE E 126 -28.27 33.01 -25.51
N TYR E 127 -27.31 32.36 -24.85
CA TYR E 127 -27.58 31.25 -23.88
C TYR E 127 -28.41 31.79 -22.71
N LYS E 128 -28.07 32.99 -22.22
CA LYS E 128 -28.74 33.67 -21.07
C LYS E 128 -30.06 34.32 -21.54
N THR E 129 -30.00 35.09 -22.63
CA THR E 129 -31.09 35.94 -23.20
C THR E 129 -32.23 35.09 -23.76
N ASP E 130 -31.90 34.15 -24.65
CA ASP E 130 -32.90 33.32 -25.41
C ASP E 130 -32.39 31.87 -25.46
N ARG E 131 -32.80 31.06 -24.47
CA ARG E 131 -32.47 29.61 -24.38
C ARG E 131 -33.02 28.89 -25.61
N GLU E 132 -34.34 29.03 -25.85
CA GLU E 132 -35.07 28.32 -26.94
C GLU E 132 -34.30 28.45 -28.25
N LYS E 133 -33.78 29.65 -28.52
CA LYS E 133 -32.97 29.99 -29.72
C LYS E 133 -31.61 29.29 -29.68
N TYR E 134 -30.87 29.42 -28.56
CA TYR E 134 -29.58 28.71 -28.29
C TYR E 134 -29.72 27.23 -28.70
N ASN E 135 -30.74 26.53 -28.15
CA ASN E 135 -31.00 25.10 -28.46
C ASN E 135 -31.21 24.93 -29.97
N ARG E 136 -32.02 25.80 -30.57
CA ARG E 136 -32.32 25.78 -32.03
C ARG E 136 -31.00 25.87 -32.81
N ILE E 137 -30.18 26.89 -32.56
CA ILE E 137 -28.93 27.14 -33.34
C ILE E 137 -27.95 25.99 -33.09
N ALA E 138 -27.84 25.54 -31.83
CA ALA E 138 -26.93 24.45 -31.43
C ALA E 138 -27.30 23.21 -32.24
N ARG E 139 -28.60 22.90 -32.29
CA ARG E 139 -29.23 21.78 -33.05
C ARG E 139 -28.91 21.93 -34.55
N GLU E 140 -29.07 23.14 -35.09
CA GLU E 140 -28.76 23.45 -36.51
C GLU E 140 -27.29 23.14 -36.80
N TRP E 141 -26.37 23.62 -35.95
CA TRP E 141 -24.90 23.40 -36.14
C TRP E 141 -24.61 21.91 -36.10
N THR E 142 -25.31 21.16 -35.25
CA THR E 142 -25.06 19.70 -35.09
C THR E 142 -25.46 18.99 -36.38
N GLN E 143 -26.68 19.22 -36.87
CA GLN E 143 -27.21 18.61 -38.12
C GLN E 143 -26.33 19.04 -39.29
N LYS E 144 -25.99 20.33 -39.36
CA LYS E 144 -25.18 20.89 -40.47
C LYS E 144 -23.77 20.30 -40.49
N TYR E 145 -23.10 20.16 -39.33
CA TYR E 145 -21.63 19.95 -39.28
C TYR E 145 -21.23 18.58 -38.71
N ALA E 146 -22.07 17.94 -37.91
CA ALA E 146 -21.68 16.78 -37.09
C ALA E 146 -22.46 15.51 -37.47
N MET E 147 -23.16 15.48 -38.62
CA MET E 147 -23.97 14.29 -39.00
C MET E 147 -23.75 13.90 -40.46
N SER F 5 -33.37 -1.88 -2.80
CA SER F 5 -31.94 -2.03 -2.31
C SER F 5 -31.08 -2.76 -3.35
N MET F 6 -30.08 -2.08 -3.94
CA MET F 6 -29.38 -2.57 -5.16
C MET F 6 -27.88 -2.21 -5.16
N GLN F 7 -27.11 -2.97 -5.91
CA GLN F 7 -25.69 -2.67 -6.25
C GLN F 7 -25.68 -1.75 -7.47
N ILE F 8 -24.85 -0.71 -7.44
CA ILE F 8 -24.38 -0.02 -8.67
C ILE F 8 -22.85 0.01 -8.65
N PHE F 9 -22.26 0.32 -9.80
CA PHE F 9 -20.80 0.41 -10.03
C PHE F 9 -20.46 1.89 -10.25
N VAL F 10 -19.29 2.30 -9.76
CA VAL F 10 -18.70 3.62 -10.11
C VAL F 10 -17.31 3.34 -10.69
N LYS F 11 -17.09 3.77 -11.92
CA LYS F 11 -15.75 3.75 -12.56
C LYS F 11 -15.03 5.00 -12.10
N THR F 12 -14.09 4.84 -11.16
CA THR F 12 -13.42 5.97 -10.48
C THR F 12 -12.35 6.55 -11.40
N LEU F 13 -11.56 7.48 -10.90
CA LEU F 13 -10.77 8.36 -11.80
C LEU F 13 -9.71 7.52 -12.53
N THR F 14 -9.16 6.47 -11.91
CA THR F 14 -8.10 5.62 -12.49
C THR F 14 -8.68 4.59 -13.46
N GLY F 15 -10.00 4.43 -13.50
CA GLY F 15 -10.66 3.33 -14.23
C GLY F 15 -11.01 2.17 -13.31
N LYS F 16 -10.55 2.21 -12.06
CA LYS F 16 -10.91 1.21 -11.01
C LYS F 16 -12.42 1.29 -10.81
N THR F 17 -13.09 0.14 -10.90
CA THR F 17 -14.55 0.01 -10.73
C THR F 17 -14.82 -0.46 -9.31
N ILE F 18 -15.64 0.29 -8.56
CA ILE F 18 -16.04 -0.05 -7.18
C ILE F 18 -17.54 -0.37 -7.22
N THR F 19 -18.01 -1.15 -6.24
CA THR F 19 -19.44 -1.49 -6.03
C THR F 19 -19.98 -0.64 -4.88
N LEU F 20 -21.12 0.00 -5.07
CA LEU F 20 -21.87 0.73 -4.00
C LEU F 20 -23.20 0.01 -3.73
N GLU F 21 -23.60 -0.09 -2.45
CA GLU F 21 -24.96 -0.52 -2.04
C GLU F 21 -25.79 0.75 -1.90
N VAL F 22 -26.84 0.89 -2.69
CA VAL F 22 -27.66 2.14 -2.75
C VAL F 22 -29.13 1.75 -2.79
N GLU F 23 -29.99 2.73 -2.49
CA GLU F 23 -31.44 2.69 -2.76
C GLU F 23 -31.76 3.57 -3.97
N PRO F 24 -32.74 3.19 -4.81
CA PRO F 24 -33.22 4.06 -5.88
C PRO F 24 -33.49 5.52 -5.43
N SER F 25 -33.82 5.70 -4.16
CA SER F 25 -34.27 7.02 -3.61
C SER F 25 -33.08 7.83 -3.11
N ASP F 26 -31.88 7.23 -3.02
CA ASP F 26 -30.64 7.98 -2.63
C ASP F 26 -30.40 9.10 -3.64
N THR F 27 -30.02 10.27 -3.14
CA THR F 27 -29.66 11.44 -3.94
C THR F 27 -28.23 11.25 -4.46
N ILE F 28 -27.82 12.06 -5.43
CA ILE F 28 -26.44 12.05 -5.99
C ILE F 28 -25.47 12.49 -4.88
N GLU F 29 -25.88 13.48 -4.09
CA GLU F 29 -25.20 13.94 -2.87
C GLU F 29 -24.87 12.74 -1.97
N ASN F 30 -25.85 11.86 -1.75
CA ASN F 30 -25.68 10.67 -0.89
C ASN F 30 -24.66 9.70 -1.51
N VAL F 31 -24.71 9.52 -2.84
CA VAL F 31 -23.78 8.61 -3.57
C VAL F 31 -22.37 9.19 -3.47
N LYS F 32 -22.20 10.50 -3.65
CA LYS F 32 -20.86 11.15 -3.56
C LYS F 32 -20.29 10.98 -2.14
N ALA F 33 -21.16 10.97 -1.12
CA ALA F 33 -20.76 10.71 0.28
C ALA F 33 -20.25 9.27 0.39
N LYS F 34 -20.93 8.31 -0.25
CA LYS F 34 -20.47 6.90 -0.22
C LYS F 34 -19.13 6.79 -0.96
N ILE F 35 -18.97 7.53 -2.06
CA ILE F 35 -17.66 7.52 -2.80
C ILE F 35 -16.58 8.08 -1.87
N GLN F 36 -16.84 9.17 -1.15
CA GLN F 36 -15.84 9.76 -0.22
C GLN F 36 -15.41 8.69 0.79
N ASP F 37 -16.36 7.90 1.32
CA ASP F 37 -16.12 6.88 2.38
C ASP F 37 -15.21 5.79 1.82
N LYS F 38 -15.43 5.33 0.60
CA LYS F 38 -14.65 4.24 -0.02
C LYS F 38 -13.31 4.76 -0.58
N GLU F 39 -13.22 6.00 -1.05
CA GLU F 39 -12.09 6.43 -1.90
C GLU F 39 -11.44 7.73 -1.40
N GLY F 40 -12.02 8.41 -0.42
CA GLY F 40 -11.44 9.65 0.14
C GLY F 40 -11.38 10.78 -0.89
N ILE F 41 -12.33 10.82 -1.81
CA ILE F 41 -12.51 11.98 -2.73
C ILE F 41 -13.59 12.87 -2.11
N PRO F 42 -13.31 14.15 -1.82
CA PRO F 42 -14.33 15.07 -1.31
C PRO F 42 -15.44 15.24 -2.34
N PRO F 43 -16.73 15.19 -1.91
CA PRO F 43 -17.86 15.34 -2.84
C PRO F 43 -17.73 16.54 -3.79
N ASP F 44 -17.21 17.65 -3.30
CA ASP F 44 -17.14 18.92 -4.09
C ASP F 44 -16.08 18.78 -5.20
N GLN F 45 -15.24 17.73 -5.20
CA GLN F 45 -14.32 17.52 -6.36
C GLN F 45 -14.77 16.30 -7.18
N GLN F 46 -15.96 15.77 -6.90
CA GLN F 46 -16.57 14.66 -7.66
C GLN F 46 -17.53 15.22 -8.72
N ARG F 47 -17.39 14.76 -9.97
CA ARG F 47 -18.43 14.95 -11.01
C ARG F 47 -18.88 13.57 -11.48
N LEU F 48 -20.13 13.21 -11.21
CA LEU F 48 -20.67 11.91 -11.66
C LEU F 48 -21.32 12.12 -13.01
N ILE F 49 -21.13 11.16 -13.91
CA ILE F 49 -21.64 11.25 -15.30
C ILE F 49 -22.40 9.95 -15.59
N PHE F 50 -23.52 10.09 -16.30
CA PHE F 50 -24.31 8.95 -16.85
C PHE F 50 -24.87 9.41 -18.19
N ALA F 51 -24.70 8.62 -19.26
CA ALA F 51 -25.23 8.94 -20.60
C ALA F 51 -24.75 10.33 -21.01
N GLY F 52 -23.48 10.64 -20.71
CA GLY F 52 -22.74 11.83 -21.20
C GLY F 52 -23.06 13.12 -20.46
N LYS F 53 -23.91 13.08 -19.42
CA LYS F 53 -24.34 14.30 -18.66
C LYS F 53 -23.93 14.18 -17.17
N GLN F 54 -23.62 15.32 -16.56
CA GLN F 54 -23.36 15.43 -15.10
C GLN F 54 -24.65 15.07 -14.35
N LEU F 55 -24.52 14.41 -13.19
CA LEU F 55 -25.68 14.13 -12.30
C LEU F 55 -25.69 15.18 -11.19
N GLU F 56 -26.85 15.81 -10.94
CA GLU F 56 -26.96 16.97 -10.02
C GLU F 56 -27.30 16.47 -8.60
N ASP F 57 -26.81 17.18 -7.59
CA ASP F 57 -26.73 16.70 -6.19
C ASP F 57 -28.13 16.46 -5.57
N GLY F 58 -29.12 17.27 -5.93
CA GLY F 58 -30.48 17.21 -5.35
C GLY F 58 -31.32 16.07 -5.95
N ARG F 59 -30.97 15.56 -7.12
CA ARG F 59 -31.81 14.55 -7.81
C ARG F 59 -31.44 13.17 -7.26
N THR F 60 -32.27 12.17 -7.52
CA THR F 60 -32.12 10.76 -7.04
C THR F 60 -31.70 9.85 -8.21
N LEU F 61 -31.21 8.65 -7.88
CA LEU F 61 -30.85 7.57 -8.85
C LEU F 61 -32.10 7.18 -9.66
N SER F 62 -33.25 7.08 -8.98
CA SER F 62 -34.59 6.87 -9.59
C SER F 62 -34.83 7.94 -10.66
N ASP F 63 -34.62 9.23 -10.35
CA ASP F 63 -34.84 10.38 -11.27
C ASP F 63 -34.07 10.21 -12.60
N TYR F 64 -32.87 9.65 -12.57
CA TYR F 64 -31.97 9.53 -13.74
C TYR F 64 -32.12 8.13 -14.37
N ASN F 65 -33.05 7.33 -13.87
CA ASN F 65 -33.35 5.96 -14.36
C ASN F 65 -32.09 5.09 -14.23
N ILE F 66 -31.37 5.28 -13.13
CA ILE F 66 -30.22 4.42 -12.72
C ILE F 66 -30.79 3.21 -11.97
N GLN F 67 -30.45 2.01 -12.46
CA GLN F 67 -31.04 0.72 -12.01
C GLN F 67 -29.91 -0.19 -11.53
N LYS F 68 -30.26 -1.34 -10.97
CA LYS F 68 -29.28 -2.34 -10.49
C LYS F 68 -28.21 -2.52 -11.58
N GLU F 69 -26.95 -2.40 -11.18
CA GLU F 69 -25.76 -2.85 -11.96
C GLU F 69 -25.48 -1.87 -13.10
N SER F 70 -26.13 -0.70 -13.05
CA SER F 70 -25.71 0.55 -13.73
C SER F 70 -24.28 0.91 -13.32
N THR F 71 -23.49 1.47 -14.25
CA THR F 71 -22.18 2.07 -13.96
C THR F 71 -22.31 3.60 -14.05
N LEU F 72 -22.00 4.32 -12.97
CA LEU F 72 -21.73 5.78 -13.01
C LEU F 72 -20.25 5.99 -13.30
N HIS F 73 -19.91 7.07 -14.00
CA HIS F 73 -18.52 7.47 -14.36
C HIS F 73 -18.08 8.67 -13.54
N LEU F 74 -17.02 8.50 -12.74
CA LEU F 74 -16.47 9.58 -11.89
C LEU F 74 -15.34 10.26 -12.65
N VAL F 75 -15.51 11.58 -12.86
CA VAL F 75 -14.38 12.45 -13.30
C VAL F 75 -14.16 13.51 -12.21
N LEU F 76 -13.25 14.43 -12.45
CA LEU F 76 -12.96 15.52 -11.50
C LEU F 76 -13.92 16.68 -11.78
N ARG F 77 -14.35 17.37 -10.71
CA ARG F 77 -15.08 18.65 -10.81
C ARG F 77 -14.40 19.51 -11.89
N LEU F 78 -15.16 20.04 -12.85
CA LEU F 78 -14.65 20.92 -13.94
C LEU F 78 -15.57 22.14 -14.11
N ARG F 79 -15.06 23.17 -14.77
CA ARG F 79 -15.81 24.40 -15.16
C ARG F 79 -15.27 24.87 -16.51
N GLY F 80 -16.15 25.03 -17.50
CA GLY F 80 -15.80 25.73 -18.76
C GLY F 80 -15.49 27.19 -18.49
N GLY F 81 -14.80 27.86 -19.41
CA GLY F 81 -14.37 29.27 -19.23
C GLY F 81 -14.35 30.04 -20.53
CL CL G . -2.12 9.38 14.08
ZN ZN H . -5.64 -5.42 11.64
ZN ZN I . 8.57 1.10 10.66
C1 EDO J . 3.60 -11.52 11.86
O1 EDO J . 4.71 -10.69 11.61
C2 EDO J . 3.34 -12.47 10.73
O2 EDO J . 2.90 -11.78 9.58
H11 EDO J . 2.81 -10.97 12.00
H12 EDO J . 3.76 -12.04 12.68
HO1 EDO J . 4.82 -10.18 12.25
H21 EDO J . 2.65 -13.12 11.02
H22 EDO J . 4.16 -12.97 10.54
HO2 EDO J . 3.13 -10.93 9.65
C1 EDO K . 11.30 -33.30 19.75
O1 EDO K . 10.99 -33.69 18.44
C2 EDO K . 10.34 -33.82 20.76
O2 EDO K . 9.07 -33.14 20.78
H11 EDO K . 11.30 -32.33 19.80
H12 EDO K . 12.20 -33.62 19.98
HO1 EDO K . 11.57 -33.37 17.90
H21 EDO K . 10.75 -33.73 21.65
H22 EDO K . 10.19 -34.77 20.59
HO2 EDO K . 9.06 -32.54 20.18
CL CL L . 7.76 15.36 0.96
ZN ZN M . 5.87 6.83 -11.36
ZN ZN N . -5.51 12.52 -2.14
#